data_7X45
#
_entry.id   7X45
#
_cell.length_a   48.580
_cell.length_b   48.580
_cell.length_c   208.660
_cell.angle_alpha   90.000
_cell.angle_beta   90.000
_cell.angle_gamma   120.000
#
_symmetry.space_group_name_H-M   'P 31 1 2'
#
loop_
_entity.id
_entity.type
_entity.pdbx_description
1 polymer 'Interferon gamma'
2 water water
#
_entity_poly.entity_id   1
_entity_poly.type   'polypeptide(L)'
_entity_poly.pdbx_seq_one_letter_code
;MDSWLNMMLLCGLLLIASLQTTNAFRFRRSKSEMTHLETNIHSLQEHYKTRGTEWVSKSVFVPHLNQLNSKASCTCQALL
LERMLNIYEELFQDMKSEHKEGRKDLDHLMDEVKKLRGNYKEEHKVWKELQEMNSVKVKNGTIRGGALNDFLMVFDRAST
EKHKKVQ
;
_entity_poly.pdbx_strand_id   A,B
#
# COMPACT_ATOMS: atom_id res chain seq x y z
N LYS A 31 17.77 -21.81 15.00
CA LYS A 31 17.84 -23.28 15.23
C LYS A 31 16.81 -23.67 16.29
N SER A 32 17.12 -23.39 17.56
CA SER A 32 16.15 -23.40 18.68
C SER A 32 15.58 -21.99 18.86
N GLU A 33 15.70 -21.14 17.85
CA GLU A 33 15.16 -19.76 17.88
C GLU A 33 13.65 -19.82 17.63
N MET A 34 13.18 -20.57 16.61
CA MET A 34 11.72 -20.65 16.32
C MET A 34 11.02 -21.34 17.49
N THR A 35 11.68 -22.33 18.11
CA THR A 35 11.23 -22.99 19.36
C THR A 35 10.95 -21.94 20.45
N HIS A 36 11.91 -21.04 20.68
CA HIS A 36 11.80 -19.90 21.63
C HIS A 36 10.48 -19.16 21.34
N LEU A 37 10.25 -18.79 20.08
CA LEU A 37 9.07 -18.01 19.63
C LEU A 37 7.79 -18.79 19.91
N GLU A 38 7.80 -20.10 19.59
CA GLU A 38 6.63 -20.99 19.82
C GLU A 38 6.25 -20.94 21.30
N THR A 39 7.25 -21.03 22.20
CA THR A 39 7.09 -21.02 23.67
C THR A 39 6.46 -19.70 24.10
N ASN A 40 6.95 -18.55 23.58
CA ASN A 40 6.43 -17.21 23.94
C ASN A 40 4.95 -17.11 23.55
N ILE A 41 4.57 -17.55 22.35
CA ILE A 41 3.16 -17.50 21.85
C ILE A 41 2.25 -18.37 22.73
N HIS A 42 2.66 -19.60 23.00
CA HIS A 42 1.93 -20.58 23.87
C HIS A 42 1.64 -19.94 25.23
N SER A 43 2.69 -19.57 25.97
CA SER A 43 2.59 -19.01 27.35
C SER A 43 1.75 -17.74 27.32
N LEU A 44 1.82 -16.99 26.22
CA LEU A 44 1.05 -15.74 26.01
C LEU A 44 -0.44 -16.08 25.83
N GLN A 45 -0.75 -17.15 25.09
CA GLN A 45 -2.14 -17.63 24.83
C GLN A 45 -2.73 -18.22 26.10
N GLU A 46 -1.89 -18.78 26.97
CA GLU A 46 -2.27 -19.27 28.32
C GLU A 46 -2.82 -18.09 29.13
N HIS A 47 -2.10 -16.96 29.15
CA HIS A 47 -2.44 -15.70 29.88
C HIS A 47 -3.69 -15.05 29.26
N TYR A 48 -3.90 -15.18 27.94
CA TYR A 48 -5.01 -14.53 27.19
C TYR A 48 -6.00 -15.62 26.70
N LYS A 49 -6.44 -16.50 27.59
CA LYS A 49 -7.58 -17.42 27.30
C LYS A 49 -8.90 -16.69 27.53
N SER A 57 -9.22 -22.27 17.36
CA SER A 57 -8.93 -20.82 17.52
C SER A 57 -9.53 -20.03 16.36
N LYS A 58 -9.47 -18.71 16.45
CA LYS A 58 -9.85 -17.74 15.39
C LYS A 58 -8.60 -17.44 14.54
N SER A 59 -8.82 -16.82 13.38
CA SER A 59 -7.77 -16.49 12.39
C SER A 59 -8.13 -15.15 11.74
N VAL A 60 -7.16 -14.24 11.64
CA VAL A 60 -7.36 -12.88 11.04
C VAL A 60 -6.41 -12.67 9.85
N PHE A 61 -5.15 -13.11 9.94
CA PHE A 61 -4.09 -12.92 8.91
C PHE A 61 -3.87 -14.14 8.02
N VAL A 62 -4.13 -15.37 8.48
CA VAL A 62 -3.97 -16.56 7.60
C VAL A 62 -4.79 -16.38 6.32
N PRO A 63 -6.04 -15.86 6.33
CA PRO A 63 -6.78 -15.61 5.09
C PRO A 63 -6.06 -14.69 4.09
N HIS A 64 -5.25 -13.77 4.59
CA HIS A 64 -4.37 -12.89 3.77
C HIS A 64 -3.17 -13.70 3.25
N LEU A 65 -2.56 -14.52 4.10
CA LEU A 65 -1.47 -15.47 3.68
C LEU A 65 -2.01 -16.42 2.60
N ASN A 66 -3.29 -16.81 2.68
CA ASN A 66 -3.92 -17.78 1.74
C ASN A 66 -4.00 -17.22 0.32
N GLN A 67 -3.72 -15.92 0.11
CA GLN A 67 -3.85 -15.30 -1.22
C GLN A 67 -2.54 -14.63 -1.65
N LEU A 68 -1.43 -15.02 -1.02
CA LEU A 68 -0.10 -14.38 -1.16
C LEU A 68 0.58 -14.83 -2.46
N ASN A 69 0.50 -16.11 -2.84
CA ASN A 69 1.17 -16.66 -4.06
C ASN A 69 0.49 -16.09 -5.30
N SER A 70 -0.81 -15.85 -5.24
CA SER A 70 -1.63 -15.26 -6.32
C SER A 70 -1.18 -13.82 -6.64
N LYS A 71 -0.28 -13.25 -5.83
CA LYS A 71 0.22 -11.85 -5.93
C LYS A 71 1.69 -11.85 -6.37
N ALA A 72 2.16 -12.97 -6.90
CA ALA A 72 3.58 -13.17 -7.26
C ALA A 72 4.00 -12.14 -8.32
N SER A 73 3.05 -11.69 -9.16
CA SER A 73 3.27 -10.77 -10.31
C SER A 73 3.38 -9.31 -9.83
N CYS A 74 2.55 -8.94 -8.85
CA CYS A 74 2.33 -7.57 -8.36
C CYS A 74 3.63 -6.93 -7.86
N THR A 75 4.05 -5.82 -8.46
CA THR A 75 5.23 -5.03 -8.04
C THR A 75 4.75 -3.78 -7.31
N CYS A 76 5.61 -3.23 -6.48
CA CYS A 76 5.39 -1.96 -5.74
C CYS A 76 5.34 -0.79 -6.71
N GLN A 77 6.17 -0.79 -7.77
CA GLN A 77 6.14 0.28 -8.81
C GLN A 77 4.70 0.40 -9.30
N ALA A 78 4.11 -0.73 -9.70
CA ALA A 78 2.76 -0.79 -10.30
C ALA A 78 1.71 -0.37 -9.26
N LEU A 79 1.91 -0.69 -7.99
CA LEU A 79 0.93 -0.35 -6.93
C LEU A 79 0.98 1.17 -6.69
N LEU A 80 2.17 1.78 -6.70
CA LEU A 80 2.34 3.28 -6.63
C LEU A 80 1.65 3.93 -7.83
N LEU A 81 1.91 3.45 -9.04
CA LEU A 81 1.29 3.99 -10.28
C LEU A 81 -0.23 3.83 -10.20
N GLU A 82 -0.73 2.71 -9.67
CA GLU A 82 -2.20 2.48 -9.56
C GLU A 82 -2.81 3.51 -8.61
N ARG A 83 -2.13 3.87 -7.51
CA ARG A 83 -2.62 4.89 -6.54
C ARG A 83 -2.82 6.19 -7.31
N MET A 84 -1.81 6.56 -8.13
CA MET A 84 -1.78 7.83 -8.89
C MET A 84 -2.97 7.88 -9.83
N LEU A 85 -3.20 6.82 -10.60
CA LEU A 85 -4.32 6.75 -11.59
C LEU A 85 -5.66 6.83 -10.84
N ASN A 86 -5.79 6.14 -9.70
CA ASN A 86 -7.03 6.21 -8.90
C ASN A 86 -7.28 7.68 -8.54
N ILE A 87 -6.24 8.40 -8.08
CA ILE A 87 -6.40 9.79 -7.58
C ILE A 87 -6.72 10.71 -8.77
N TYR A 88 -6.22 10.42 -9.97
CA TYR A 88 -6.56 11.25 -11.16
C TYR A 88 -8.05 11.09 -11.49
N GLU A 89 -8.57 9.88 -11.38
CA GLU A 89 -10.01 9.67 -11.64
C GLU A 89 -10.85 10.47 -10.63
N GLU A 90 -10.56 10.38 -9.33
CA GLU A 90 -11.29 11.14 -8.28
C GLU A 90 -11.17 12.64 -8.55
N LEU A 91 -9.94 13.09 -8.85
CA LEU A 91 -9.64 14.51 -9.18
C LEU A 91 -10.51 14.98 -10.35
N PHE A 92 -10.47 14.25 -11.46
CA PHE A 92 -11.19 14.62 -12.70
C PHE A 92 -12.68 14.69 -12.33
N GLN A 93 -13.15 13.81 -11.46
CA GLN A 93 -14.57 13.79 -11.05
C GLN A 93 -14.87 15.03 -10.20
N ASP A 94 -14.06 15.29 -9.18
CA ASP A 94 -14.26 16.44 -8.27
C ASP A 94 -14.29 17.73 -9.10
N MET A 95 -13.39 17.86 -10.08
CA MET A 95 -13.32 19.03 -11.00
C MET A 95 -14.62 19.15 -11.81
N LYS A 96 -15.19 18.02 -12.26
CA LYS A 96 -16.42 17.95 -13.10
C LYS A 96 -17.60 18.63 -12.39
N SER A 97 -17.93 18.19 -11.18
CA SER A 97 -19.06 18.74 -10.36
C SER A 97 -18.83 20.25 -10.10
N GLU A 98 -17.58 20.70 -9.99
CA GLU A 98 -17.25 22.14 -9.78
C GLU A 98 -17.01 22.82 -11.14
N ARG A 103 -17.99 18.85 -20.45
CA ARG A 103 -16.57 19.16 -20.75
C ARG A 103 -15.94 17.96 -21.48
N LYS A 104 -15.76 18.07 -22.80
CA LYS A 104 -15.14 17.04 -23.68
C LYS A 104 -13.74 16.63 -23.17
N ASP A 105 -13.03 17.56 -22.53
CA ASP A 105 -11.64 17.42 -21.99
C ASP A 105 -11.61 16.40 -20.86
N LEU A 106 -12.28 16.75 -19.76
CA LEU A 106 -12.34 16.01 -18.48
C LEU A 106 -12.87 14.60 -18.76
N ASP A 107 -13.80 14.48 -19.71
CA ASP A 107 -14.49 13.22 -20.08
C ASP A 107 -13.53 12.30 -20.82
N HIS A 108 -12.78 12.82 -21.78
CA HIS A 108 -11.82 12.00 -22.58
C HIS A 108 -10.70 11.54 -21.65
N LEU A 109 -10.29 12.38 -20.69
CA LEU A 109 -9.18 12.07 -19.75
C LEU A 109 -9.63 10.95 -18.81
N MET A 110 -10.80 11.09 -18.18
CA MET A 110 -11.34 10.05 -17.26
C MET A 110 -11.44 8.73 -18.02
N ASP A 111 -11.88 8.77 -19.29
CA ASP A 111 -12.04 7.56 -20.13
C ASP A 111 -10.69 6.88 -20.35
N GLU A 112 -9.63 7.64 -20.61
CA GLU A 112 -8.30 7.04 -20.87
C GLU A 112 -7.73 6.46 -19.57
N VAL A 113 -8.00 7.13 -18.44
CA VAL A 113 -7.55 6.69 -17.09
C VAL A 113 -8.27 5.37 -16.75
N LYS A 114 -9.60 5.33 -16.88
CA LYS A 114 -10.41 4.10 -16.70
C LYS A 114 -9.87 2.99 -17.60
N LYS A 115 -9.66 3.26 -18.88
CA LYS A 115 -9.12 2.24 -19.82
C LYS A 115 -7.84 1.66 -19.19
N LEU A 116 -6.90 2.52 -18.79
CA LEU A 116 -5.56 2.06 -18.32
C LEU A 116 -5.68 1.31 -16.98
N ARG A 117 -6.49 1.80 -16.05
CA ARG A 117 -6.78 1.13 -14.76
C ARG A 117 -7.39 -0.25 -14.98
N GLY A 118 -8.01 -0.52 -16.13
CA GLY A 118 -8.36 -1.88 -16.56
C GLY A 118 -7.21 -2.84 -16.33
N ASN A 119 -5.97 -2.35 -16.51
CA ASN A 119 -4.73 -3.19 -16.47
C ASN A 119 -4.18 -3.38 -15.04
N TYR A 120 -4.82 -2.76 -14.05
CA TYR A 120 -4.31 -2.60 -12.67
C TYR A 120 -5.33 -3.09 -11.64
N LYS A 121 -6.20 -4.03 -12.03
CA LYS A 121 -7.24 -4.60 -11.11
C LYS A 121 -6.58 -5.34 -9.92
N GLU A 122 -5.50 -6.06 -10.17
CA GLU A 122 -4.79 -6.85 -9.12
C GLU A 122 -4.10 -5.90 -8.14
N GLU A 123 -3.47 -4.83 -8.67
CA GLU A 123 -2.77 -3.78 -7.90
C GLU A 123 -3.80 -3.14 -6.97
N HIS A 124 -4.97 -2.82 -7.52
CA HIS A 124 -6.07 -2.16 -6.77
C HIS A 124 -6.49 -3.03 -5.58
N LYS A 125 -6.61 -4.35 -5.79
CA LYS A 125 -7.09 -5.33 -4.78
C LYS A 125 -6.07 -5.44 -3.64
N VAL A 126 -4.79 -5.48 -4.00
CA VAL A 126 -3.68 -5.42 -3.00
C VAL A 126 -3.84 -4.17 -2.13
N TRP A 127 -4.08 -3.01 -2.74
CA TRP A 127 -4.21 -1.72 -2.01
C TRP A 127 -5.40 -1.81 -1.05
N LYS A 128 -6.54 -2.34 -1.50
CA LYS A 128 -7.77 -2.45 -0.67
C LYS A 128 -7.48 -3.44 0.47
N GLU A 129 -6.73 -4.50 0.19
CA GLU A 129 -6.32 -5.51 1.20
C GLU A 129 -5.44 -4.83 2.22
N LEU A 130 -4.38 -4.12 1.79
CA LEU A 130 -3.53 -3.35 2.73
C LEU A 130 -4.41 -2.44 3.61
N GLN A 131 -5.29 -1.63 3.02
CA GLN A 131 -6.15 -0.67 3.78
C GLN A 131 -6.99 -1.41 4.82
N GLU A 132 -7.57 -2.54 4.39
CA GLU A 132 -8.48 -3.35 5.24
C GLU A 132 -7.71 -3.93 6.41
N MET A 133 -6.55 -4.54 6.15
CA MET A 133 -5.70 -5.12 7.21
C MET A 133 -5.31 -4.00 8.17
N ASN A 134 -4.86 -2.87 7.63
CA ASN A 134 -4.27 -1.77 8.44
C ASN A 134 -5.34 -1.18 9.35
N SER A 135 -6.62 -1.36 9.01
CA SER A 135 -7.77 -0.81 9.79
C SER A 135 -8.04 -1.64 11.06
N VAL A 136 -7.62 -2.91 11.11
CA VAL A 136 -8.19 -3.95 12.02
C VAL A 136 -7.90 -3.59 13.49
N LYS A 137 -8.92 -3.78 14.34
CA LYS A 137 -9.02 -3.29 15.74
C LYS A 137 -8.10 -4.13 16.64
N VAL A 138 -6.91 -3.59 16.87
CA VAL A 138 -5.81 -4.20 17.69
C VAL A 138 -6.29 -4.44 19.14
N LYS A 139 -7.28 -3.68 19.63
CA LYS A 139 -7.73 -3.67 21.05
C LYS A 139 -8.96 -4.58 21.25
N ASN A 140 -9.21 -5.48 20.29
CA ASN A 140 -10.36 -6.41 20.29
C ASN A 140 -9.90 -7.82 20.66
N GLY A 141 -10.67 -8.54 21.48
CA GLY A 141 -10.34 -9.88 21.98
C GLY A 141 -10.19 -10.89 20.85
N THR A 142 -11.20 -10.98 19.98
CA THR A 142 -11.26 -11.92 18.83
C THR A 142 -10.04 -11.68 17.94
N ILE A 143 -9.72 -10.41 17.66
CA ILE A 143 -8.55 -10.05 16.80
C ILE A 143 -7.28 -10.41 17.56
N ARG A 144 -7.18 -10.08 18.84
CA ARG A 144 -6.06 -10.52 19.71
C ARG A 144 -5.85 -12.03 19.53
N GLY A 145 -6.90 -12.83 19.74
CA GLY A 145 -6.84 -14.30 19.72
C GLY A 145 -6.45 -14.80 18.35
N GLY A 146 -7.22 -14.40 17.33
CA GLY A 146 -6.92 -14.66 15.91
C GLY A 146 -5.49 -14.30 15.57
N ALA A 147 -5.01 -13.15 16.06
CA ALA A 147 -3.65 -12.63 15.75
C ALA A 147 -2.59 -13.52 16.39
N LEU A 148 -2.76 -13.90 17.66
CA LEU A 148 -1.84 -14.83 18.37
C LEU A 148 -1.78 -16.18 17.65
N ASN A 149 -2.95 -16.74 17.27
CA ASN A 149 -3.04 -18.00 16.49
C ASN A 149 -2.21 -17.87 15.20
N ASP A 150 -2.26 -16.73 14.53
CA ASP A 150 -1.72 -16.57 13.16
C ASP A 150 -0.26 -16.12 13.15
N PHE A 151 0.34 -15.82 14.31
CA PHE A 151 1.61 -15.07 14.40
C PHE A 151 2.75 -15.90 13.80
N LEU A 152 2.86 -17.17 14.15
CA LEU A 152 4.05 -17.96 13.77
C LEU A 152 4.01 -18.22 12.26
N MET A 153 2.82 -18.43 11.70
CA MET A 153 2.67 -18.60 10.22
C MET A 153 3.13 -17.30 9.54
N VAL A 154 2.58 -16.17 9.97
CA VAL A 154 2.97 -14.82 9.47
C VAL A 154 4.49 -14.65 9.60
N PHE A 155 5.04 -14.96 10.77
CA PHE A 155 6.46 -14.67 11.09
C PHE A 155 7.38 -15.55 10.23
N ASP A 156 7.00 -16.82 10.08
CA ASP A 156 7.72 -17.80 9.23
C ASP A 156 7.75 -17.30 7.78
N ARG A 157 6.58 -16.92 7.24
CA ARG A 157 6.50 -16.51 5.82
C ARG A 157 7.24 -15.18 5.61
N ALA A 158 7.22 -14.30 6.60
CA ALA A 158 7.90 -13.00 6.54
C ALA A 158 9.42 -13.20 6.64
N SER A 159 9.89 -14.22 7.36
CA SER A 159 11.34 -14.58 7.50
C SER A 159 11.86 -15.15 6.20
N THR A 160 11.12 -16.07 5.58
CA THR A 160 11.55 -16.77 4.34
C THR A 160 11.52 -15.76 3.18
N GLU A 161 10.68 -14.71 3.24
CA GLU A 161 10.64 -13.62 2.24
C GLU A 161 12.05 -13.01 2.06
N LYS A 162 12.78 -12.86 3.17
CA LYS A 162 14.15 -12.29 3.22
C LYS A 162 15.20 -13.38 3.54
N HIS A 163 14.79 -14.61 3.91
CA HIS A 163 15.67 -15.76 4.27
C HIS A 163 16.54 -15.41 5.49
N SER B 32 -0.12 8.85 -30.48
CA SER B 32 -1.20 9.30 -31.42
C SER B 32 -2.44 9.67 -30.61
N GLU B 33 -2.79 8.82 -29.64
CA GLU B 33 -3.73 9.12 -28.53
C GLU B 33 -3.13 10.27 -27.70
N MET B 34 -1.80 10.26 -27.53
CA MET B 34 -1.02 11.17 -26.64
C MET B 34 -1.30 12.63 -27.01
N THR B 35 -1.34 12.95 -28.31
CA THR B 35 -1.60 14.33 -28.83
C THR B 35 -2.96 14.82 -28.32
N HIS B 36 -3.99 13.98 -28.47
CA HIS B 36 -5.36 14.23 -27.96
C HIS B 36 -5.27 14.62 -26.48
N LEU B 37 -4.56 13.80 -25.68
CA LEU B 37 -4.40 14.01 -24.21
C LEU B 37 -3.70 15.34 -23.94
N GLU B 38 -2.62 15.64 -24.70
CA GLU B 38 -1.86 16.91 -24.56
C GLU B 38 -2.82 18.10 -24.72
N THR B 39 -3.67 18.05 -25.74
CA THR B 39 -4.69 19.10 -26.06
C THR B 39 -5.64 19.28 -24.88
N ASN B 40 -6.17 18.17 -24.33
CA ASN B 40 -7.13 18.20 -23.18
C ASN B 40 -6.47 18.86 -21.97
N ILE B 41 -5.23 18.49 -21.63
CA ILE B 41 -4.48 19.04 -20.45
C ILE B 41 -4.29 20.56 -20.63
N HIS B 42 -3.81 20.99 -21.79
CA HIS B 42 -3.56 22.42 -22.11
C HIS B 42 -4.84 23.22 -21.90
N SER B 43 -5.89 22.88 -22.67
CA SER B 43 -7.20 23.60 -22.65
C SER B 43 -7.77 23.61 -21.23
N LEU B 44 -7.50 22.54 -20.48
CA LEU B 44 -7.98 22.38 -19.07
C LEU B 44 -7.22 23.36 -18.17
N GLN B 45 -5.90 23.50 -18.37
CA GLN B 45 -5.03 24.39 -17.57
C GLN B 45 -5.35 25.86 -17.89
N GLU B 46 -5.76 26.12 -19.14
CA GLU B 46 -6.21 27.46 -19.58
C GLU B 46 -7.46 27.85 -18.77
N HIS B 47 -8.43 26.94 -18.64
CA HIS B 47 -9.72 27.24 -17.95
C HIS B 47 -9.52 27.24 -16.42
N TYR B 48 -8.48 26.58 -15.90
CA TYR B 48 -8.14 26.57 -14.44
C TYR B 48 -6.85 27.36 -14.20
N LYS B 49 -6.72 28.56 -14.76
CA LYS B 49 -5.67 29.53 -14.34
C LYS B 49 -6.18 30.28 -13.12
N VAL B 56 7.57 27.39 -14.06
CA VAL B 56 6.22 27.66 -14.62
C VAL B 56 5.19 27.09 -13.63
N SER B 57 5.16 25.75 -13.50
CA SER B 57 4.03 24.99 -12.87
C SER B 57 4.50 24.30 -11.59
N LYS B 58 3.53 23.79 -10.82
CA LYS B 58 3.76 22.92 -9.64
C LYS B 58 3.77 21.46 -10.09
N SER B 59 4.24 20.59 -9.20
CA SER B 59 4.39 19.13 -9.44
C SER B 59 3.99 18.39 -8.15
N VAL B 60 3.20 17.34 -8.30
CA VAL B 60 2.52 16.57 -7.21
C VAL B 60 2.93 15.09 -7.29
N PHE B 61 2.94 14.51 -8.48
CA PHE B 61 3.28 13.08 -8.73
C PHE B 61 4.70 12.90 -9.27
N VAL B 62 5.27 13.85 -10.00
CA VAL B 62 6.65 13.66 -10.56
C VAL B 62 7.62 13.35 -9.42
N PRO B 63 7.55 13.99 -8.23
CA PRO B 63 8.45 13.62 -7.12
C PRO B 63 8.36 12.15 -6.71
N HIS B 64 7.18 11.51 -6.86
CA HIS B 64 6.98 10.06 -6.67
C HIS B 64 7.60 9.28 -7.83
N LEU B 65 7.40 9.74 -9.08
CA LEU B 65 8.04 9.12 -10.27
C LEU B 65 9.58 9.18 -10.11
N ASN B 66 10.09 10.24 -9.48
CA ASN B 66 11.57 10.48 -9.34
C ASN B 66 12.21 9.44 -8.40
N GLN B 67 11.42 8.62 -7.70
CA GLN B 67 11.96 7.66 -6.69
C GLN B 67 11.52 6.24 -7.02
N LEU B 68 11.02 6.02 -8.24
CA LEU B 68 10.31 4.78 -8.66
C LEU B 68 11.31 3.68 -9.03
N ASN B 69 12.45 3.99 -9.67
CA ASN B 69 13.43 2.96 -10.14
C ASN B 69 14.11 2.32 -8.93
N SER B 70 14.33 3.09 -7.87
CA SER B 70 14.91 2.64 -6.58
C SER B 70 14.01 1.59 -5.90
N LYS B 71 12.80 1.36 -6.42
CA LYS B 71 11.78 0.44 -5.82
C LYS B 71 11.62 -0.80 -6.70
N ALA B 72 12.56 -1.03 -7.63
CA ALA B 72 12.54 -2.12 -8.61
C ALA B 72 12.44 -3.47 -7.89
N SER B 73 13.02 -3.59 -6.68
CA SER B 73 13.14 -4.86 -5.92
C SER B 73 11.83 -5.17 -5.18
N CYS B 74 11.17 -4.14 -4.65
CA CYS B 74 9.97 -4.21 -3.77
C CYS B 74 8.83 -4.97 -4.44
N THR B 75 8.36 -6.05 -3.82
CA THR B 75 7.19 -6.85 -4.30
C THR B 75 5.96 -6.54 -3.44
N CYS B 76 4.76 -6.81 -3.96
CA CYS B 76 3.49 -6.62 -3.22
C CYS B 76 3.36 -7.68 -2.11
N GLN B 77 3.84 -8.91 -2.35
CA GLN B 77 3.85 -9.97 -1.31
C GLN B 77 4.54 -9.39 -0.08
N ALA B 78 5.75 -8.84 -0.27
CA ALA B 78 6.59 -8.31 0.82
C ALA B 78 5.90 -7.12 1.49
N LEU B 79 5.19 -6.29 0.73
CA LEU B 79 4.52 -5.10 1.30
C LEU B 79 3.33 -5.55 2.18
N LEU B 80 2.60 -6.60 1.76
CA LEU B 80 1.53 -7.22 2.58
C LEU B 80 2.11 -7.84 3.86
N LEU B 81 3.20 -8.59 3.77
CA LEU B 81 3.88 -9.16 4.95
C LEU B 81 4.35 -8.03 5.88
N GLU B 82 4.86 -6.92 5.33
CA GLU B 82 5.36 -5.77 6.14
C GLU B 82 4.19 -5.14 6.90
N ARG B 83 3.00 -5.05 6.31
CA ARG B 83 1.82 -4.46 7.00
C ARG B 83 1.52 -5.33 8.21
N MET B 84 1.57 -6.65 8.04
CA MET B 84 1.21 -7.61 9.11
C MET B 84 2.18 -7.46 10.26
N LEU B 85 3.48 -7.41 10.00
CA LEU B 85 4.52 -7.17 11.05
C LEU B 85 4.30 -5.84 11.75
N ASN B 86 3.98 -4.79 11.00
CA ASN B 86 3.67 -3.47 11.61
C ASN B 86 2.50 -3.64 12.59
N ILE B 87 1.45 -4.36 12.20
CA ILE B 87 0.23 -4.52 13.06
C ILE B 87 0.60 -5.33 14.30
N TYR B 88 1.52 -6.29 14.18
CA TYR B 88 1.94 -7.12 15.34
C TYR B 88 2.71 -6.25 16.34
N GLU B 89 3.55 -5.34 15.85
CA GLU B 89 4.29 -4.42 16.74
C GLU B 89 3.27 -3.60 17.55
N GLU B 90 2.31 -2.95 16.89
CA GLU B 90 1.27 -2.12 17.57
C GLU B 90 0.50 -2.99 18.56
N LEU B 91 0.07 -4.18 18.11
CA LEU B 91 -0.67 -5.16 18.95
C LEU B 91 0.11 -5.50 20.21
N PHE B 92 1.36 -5.93 20.04
CA PHE B 92 2.20 -6.38 21.18
C PHE B 92 2.35 -5.18 22.12
N GLN B 93 2.43 -3.98 21.58
CA GLN B 93 2.57 -2.73 22.40
C GLN B 93 1.26 -2.49 23.17
N ASP B 94 0.13 -2.53 22.48
CA ASP B 94 -1.20 -2.27 23.08
C ASP B 94 -1.40 -3.27 24.22
N MET B 95 -1.05 -4.55 24.01
CA MET B 95 -1.16 -5.63 25.03
C MET B 95 -0.31 -5.28 26.26
N LYS B 96 0.90 -4.75 26.03
CA LYS B 96 1.92 -4.45 27.08
C LYS B 96 1.35 -3.44 28.09
N SER B 97 0.91 -2.28 27.62
CA SER B 97 0.34 -1.20 28.46
C SER B 97 -0.87 -1.72 29.27
N GLU B 98 -1.64 -2.66 28.73
CA GLU B 98 -2.83 -3.24 29.41
C GLU B 98 -2.40 -4.51 30.15
N ARG B 103 6.56 -8.79 31.13
CA ARG B 103 6.16 -10.03 30.42
C ARG B 103 7.28 -10.45 29.46
N LYS B 104 8.08 -11.46 29.82
CA LYS B 104 9.20 -11.99 28.98
C LYS B 104 8.70 -12.43 27.59
N ASP B 105 7.43 -12.86 27.49
CA ASP B 105 6.76 -13.35 26.24
C ASP B 105 6.65 -12.24 25.20
N LEU B 106 5.82 -11.24 25.54
CA LEU B 106 5.46 -10.06 24.72
C LEU B 106 6.74 -9.33 24.31
N ASP B 107 7.72 -9.30 25.20
CA ASP B 107 9.02 -8.59 25.05
C ASP B 107 9.87 -9.29 23.99
N HIS B 108 9.98 -10.62 24.07
CA HIS B 108 10.83 -11.40 23.14
C HIS B 108 10.18 -11.34 21.75
N LEU B 109 8.86 -11.33 21.69
CA LEU B 109 8.10 -11.32 20.40
C LEU B 109 8.30 -9.95 19.74
N MET B 110 8.07 -8.86 20.47
CA MET B 110 8.23 -7.50 19.90
C MET B 110 9.68 -7.33 19.42
N ASP B 111 10.64 -7.86 20.16
CA ASP B 111 12.08 -7.78 19.80
C ASP B 111 12.32 -8.48 18.47
N GLU B 112 11.75 -9.66 18.27
CA GLU B 112 11.99 -10.42 17.02
C GLU B 112 11.28 -9.71 15.86
N VAL B 113 10.12 -9.11 16.11
CA VAL B 113 9.33 -8.35 15.09
C VAL B 113 10.14 -7.12 14.68
N LYS B 114 10.63 -6.34 15.64
CA LYS B 114 11.52 -5.17 15.40
C LYS B 114 12.72 -5.63 14.57
N LYS B 115 13.40 -6.68 15.01
CA LYS B 115 14.60 -7.20 14.29
C LYS B 115 14.19 -7.42 12.83
N LEU B 116 13.09 -8.17 12.60
CA LEU B 116 12.68 -8.62 11.24
C LEU B 116 12.27 -7.42 10.38
N ARG B 117 11.51 -6.48 10.93
CA ARG B 117 11.09 -5.24 10.21
C ARG B 117 12.31 -4.42 9.80
N GLY B 118 13.44 -4.57 10.48
CA GLY B 118 14.73 -4.05 10.01
C GLY B 118 15.00 -4.44 8.57
N ASN B 119 14.41 -5.54 8.07
CA ASN B 119 14.67 -6.11 6.71
C ASN B 119 13.63 -5.62 5.69
N TYR B 120 12.67 -4.79 6.12
CA TYR B 120 11.47 -4.38 5.34
C TYR B 120 11.38 -2.84 5.31
N LYS B 121 12.53 -2.15 5.39
CA LYS B 121 12.60 -0.67 5.42
C LYS B 121 12.04 -0.08 4.12
N GLU B 122 12.37 -0.67 2.97
CA GLU B 122 11.95 -0.14 1.64
C GLU B 122 10.44 -0.37 1.46
N GLU B 123 9.94 -1.54 1.89
CA GLU B 123 8.50 -1.90 1.86
C GLU B 123 7.74 -0.87 2.70
N HIS B 124 8.24 -0.55 3.89
CA HIS B 124 7.60 0.42 4.82
C HIS B 124 7.49 1.80 4.16
N LYS B 125 8.53 2.24 3.44
CA LYS B 125 8.62 3.55 2.74
C LYS B 125 7.57 3.62 1.64
N VAL B 126 7.45 2.54 0.87
CA VAL B 126 6.42 2.42 -0.19
C VAL B 126 5.04 2.61 0.45
N TRP B 127 4.78 1.95 1.57
CA TRP B 127 3.48 2.07 2.27
C TRP B 127 3.24 3.51 2.74
N LYS B 128 4.25 4.17 3.28
CA LYS B 128 4.12 5.59 3.77
C LYS B 128 3.90 6.50 2.56
N GLU B 129 4.54 6.20 1.43
CA GLU B 129 4.33 6.93 0.15
C GLU B 129 2.89 6.72 -0.31
N LEU B 130 2.42 5.47 -0.37
CA LEU B 130 1.00 5.22 -0.74
C LEU B 130 0.08 6.05 0.19
N GLN B 131 0.27 5.99 1.50
CA GLN B 131 -0.56 6.73 2.51
C GLN B 131 -0.49 8.23 2.24
N GLU B 132 0.70 8.74 1.93
CA GLU B 132 0.95 10.17 1.62
C GLU B 132 0.15 10.58 0.38
N MET B 133 0.25 9.82 -0.71
CA MET B 133 -0.49 10.12 -1.96
C MET B 133 -1.99 10.10 -1.62
N ASN B 134 -2.43 9.08 -0.91
CA ASN B 134 -3.86 8.82 -0.66
C ASN B 134 -4.43 9.95 0.22
N SER B 135 -3.59 10.67 0.95
CA SER B 135 -3.99 11.75 1.89
C SER B 135 -4.33 13.05 1.16
N VAL B 136 -3.84 13.23 -0.08
CA VAL B 136 -3.74 14.56 -0.76
C VAL B 136 -5.14 15.15 -0.97
N LYS B 137 -5.26 16.47 -0.72
CA LYS B 137 -6.49 17.28 -0.91
C LYS B 137 -6.74 17.50 -2.42
N VAL B 138 -7.59 16.66 -2.99
CA VAL B 138 -8.02 16.70 -4.43
C VAL B 138 -8.69 18.05 -4.76
N LYS B 139 -9.25 18.75 -3.76
CA LYS B 139 -10.06 20.00 -3.93
C LYS B 139 -9.20 21.25 -3.72
N ASN B 140 -7.88 21.12 -3.81
CA ASN B 140 -6.89 22.20 -3.57
C ASN B 140 -6.31 22.66 -4.93
N GLY B 141 -6.12 23.97 -5.11
CA GLY B 141 -5.61 24.57 -6.35
C GLY B 141 -4.22 24.06 -6.70
N THR B 142 -3.27 24.15 -5.76
CA THR B 142 -1.86 23.71 -5.95
C THR B 142 -1.83 22.25 -6.37
N ILE B 143 -2.63 21.40 -5.71
CA ILE B 143 -2.69 19.95 -6.03
C ILE B 143 -3.34 19.78 -7.40
N ARG B 144 -4.44 20.48 -7.66
CA ARG B 144 -5.07 20.51 -9.01
C ARG B 144 -4.00 20.83 -10.05
N GLY B 145 -3.27 21.94 -9.88
CA GLY B 145 -2.29 22.47 -10.84
C GLY B 145 -1.16 21.47 -11.02
N GLY B 146 -0.52 21.10 -9.91
CA GLY B 146 0.52 20.07 -9.87
C GLY B 146 0.08 18.80 -10.55
N ALA B 147 -1.16 18.37 -10.31
CA ALA B 147 -1.73 17.12 -10.86
C ALA B 147 -1.88 17.23 -12.38
N LEU B 148 -2.44 18.34 -12.87
CA LEU B 148 -2.59 18.59 -14.34
C LEU B 148 -1.22 18.63 -15.03
N ASN B 149 -0.24 19.33 -14.46
CA ASN B 149 1.15 19.37 -14.97
C ASN B 149 1.71 17.95 -15.11
N ASP B 150 1.44 17.09 -14.12
CA ASP B 150 2.13 15.79 -13.99
C ASP B 150 1.36 14.65 -14.66
N PHE B 151 0.22 14.92 -15.30
CA PHE B 151 -0.73 13.86 -15.72
C PHE B 151 -0.08 12.98 -16.79
N LEU B 152 0.51 13.63 -17.79
CA LEU B 152 1.03 12.92 -18.98
C LEU B 152 2.24 12.09 -18.56
N MET B 153 3.06 12.60 -17.64
CA MET B 153 4.24 11.84 -17.12
C MET B 153 3.71 10.58 -16.42
N VAL B 154 2.79 10.76 -15.48
CA VAL B 154 2.15 9.64 -14.72
C VAL B 154 1.52 8.67 -15.73
N PHE B 155 0.79 9.18 -16.71
CA PHE B 155 0.00 8.32 -17.63
C PHE B 155 0.95 7.51 -18.52
N ASP B 156 1.99 8.18 -19.01
CA ASP B 156 3.05 7.56 -19.82
C ASP B 156 3.75 6.43 -19.05
N ARG B 157 4.16 6.70 -17.82
CA ARG B 157 4.91 5.70 -17.00
C ARG B 157 3.97 4.54 -16.64
N ALA B 158 2.70 4.82 -16.41
CA ALA B 158 1.69 3.79 -16.05
C ALA B 158 1.39 2.93 -17.29
N SER B 159 1.43 3.49 -18.51
CA SER B 159 1.22 2.77 -19.79
C SER B 159 2.38 1.84 -20.06
N THR B 160 3.61 2.34 -19.93
CA THR B 160 4.88 1.59 -20.11
C THR B 160 4.89 0.36 -19.21
N GLU B 161 4.44 0.54 -17.96
CA GLU B 161 4.44 -0.51 -16.90
C GLU B 161 3.78 -1.80 -17.42
N LYS B 162 2.70 -1.65 -18.20
CA LYS B 162 1.80 -2.74 -18.62
C LYS B 162 1.95 -3.07 -20.13
N HIS B 163 2.91 -2.47 -20.85
CA HIS B 163 3.11 -2.58 -22.32
C HIS B 163 1.87 -2.06 -23.08
#